data_7XH3
#
_entry.id   7XH3
#
_entity_poly.entity_id   1
_entity_poly.type   'polydeoxyribonucleotide'
_entity_poly.pdbx_seq_one_letter_code
;(DC)(DC)(DG)(DG)(DG)(DT)(DA)(DC)(DC)(DC)(DG)(DG)
;
_entity_poly.pdbx_strand_id   A,B
#
loop_
_chem_comp.id
_chem_comp.type
_chem_comp.name
_chem_comp.formula
DA DNA linking 2'-DEOXYADENOSINE-5'-MONOPHOSPHATE 'C10 H14 N5 O6 P'
DC DNA linking 2'-DEOXYCYTIDINE-5'-MONOPHOSPHATE 'C9 H14 N3 O7 P'
DG DNA linking 2'-DEOXYGUANOSINE-5'-MONOPHOSPHATE 'C10 H14 N5 O7 P'
DT DNA linking THYMIDINE-5'-MONOPHOSPHATE 'C10 H15 N2 O8 P'
#